data_6VKZ
#
_entry.id   6VKZ
#
_cell.length_a   124.286
_cell.length_b   124.286
_cell.length_c   114.483
_cell.angle_alpha   90.000
_cell.angle_beta   90.000
_cell.angle_gamma   90.000
#
_symmetry.space_group_name_H-M   'P 43 21 2'
#
loop_
_entity.id
_entity.type
_entity.pdbx_description
1 polymer DabA
2 non-polymer 'MAGNESIUM ION'
3 non-polymer 'GERANYL S-THIOLODIPHOSPHATE'
4 water water
#
_entity_poly.entity_id   1
_entity_poly.type   'polypeptide(L)'
_entity_poly.pdbx_seq_one_letter_code
;GSHMESPKEVLSRVQDAGLTLTNPNDLYWMVDFLKEKYYDNGDYYYPIKTVCDGESIDVKFYCPFEPSLSPHYLELYGSR
DERASIYETTMKKYNRINSEKTSAICTPYSSYGDTQIVAYFYSMMYYINDQTAHLKLPESEIESELIDILNDDILIYLNE
FMSIFEPEDAQDLERIWDFLDFYQPYFSKVDGKIVLDEKYLVRTPSQMPLIKTICEYVSEQFAPSKNITQVIWEVVRYIK
GVKDEIHIRGDKSFTLSLQEYDDFRDKVTASPMAHAVSDLTHERFSYEAYTNPAFMELENRCSEIITYFNDVCTSDRERL
DEDPFNSVFILMDLDPSLNFAKSCDVVVEHAYNKMQAFLKLKEEILESASDEEERLALARMIKTREDSLIGYVLHEVCCV
EDGYARDHKPLMKAFLEEEITKSLAEKVKFNPVESESVRLN
;
_entity_poly.pdbx_strand_id   A
#
loop_
_chem_comp.id
_chem_comp.type
_chem_comp.name
_chem_comp.formula
GST non-polymer 'GERANYL S-THIOLODIPHOSPHATE' 'C10 H20 O6 P2 S'
MG non-polymer 'MAGNESIUM ION' 'Mg 2'
#
# COMPACT_ATOMS: atom_id res chain seq x y z
N GLU A 5 7.77 -23.99 -15.01
CA GLU A 5 7.30 -25.34 -14.73
C GLU A 5 6.07 -25.69 -15.54
N SER A 6 5.81 -26.97 -15.66
CA SER A 6 4.62 -27.47 -16.34
C SER A 6 3.46 -27.59 -15.35
N PRO A 7 2.22 -27.45 -15.83
CA PRO A 7 1.08 -27.67 -14.94
C PRO A 7 1.12 -29.00 -14.22
N LYS A 8 1.68 -30.03 -14.86
CA LYS A 8 1.73 -31.35 -14.23
C LYS A 8 2.67 -31.36 -13.02
N GLU A 9 3.83 -30.68 -13.13
CA GLU A 9 4.75 -30.61 -12.00
C GLU A 9 4.12 -29.89 -10.82
N VAL A 10 3.56 -28.70 -11.06
CA VAL A 10 3.01 -27.93 -9.95
C VAL A 10 1.83 -28.66 -9.34
N LEU A 11 1.01 -29.33 -10.16
CA LEU A 11 -0.10 -30.11 -9.63
C LEU A 11 0.41 -31.18 -8.69
N SER A 12 1.47 -31.87 -9.07
CA SER A 12 2.06 -32.89 -8.21
C SER A 12 2.53 -32.28 -6.89
N ARG A 13 3.22 -31.14 -6.97
CA ARG A 13 3.66 -30.44 -5.76
C ARG A 13 2.47 -30.02 -4.90
N VAL A 14 1.43 -29.43 -5.50
CA VAL A 14 0.31 -28.96 -4.72
C VAL A 14 -0.40 -30.12 -4.02
N GLN A 15 -0.54 -31.26 -4.71
CA GLN A 15 -1.22 -32.40 -4.11
C GLN A 15 -0.43 -32.96 -2.92
N ASP A 16 0.90 -32.90 -2.98
CA ASP A 16 1.74 -33.41 -1.91
C ASP A 16 1.97 -32.38 -0.80
N ALA A 17 2.28 -31.13 -1.17
CA ALA A 17 2.71 -30.13 -0.20
C ALA A 17 1.74 -28.98 0.00
N GLY A 18 0.72 -28.83 -0.86
CA GLY A 18 -0.16 -27.69 -0.78
C GLY A 18 0.49 -26.45 -1.38
N LEU A 19 -0.16 -25.32 -1.17
CA LEU A 19 0.35 -24.04 -1.64
C LEU A 19 1.16 -23.38 -0.54
N THR A 20 2.18 -22.64 -0.95
CA THR A 20 3.05 -21.92 -0.02
C THR A 20 3.31 -20.51 -0.53
N LEU A 21 3.86 -19.69 0.35
CA LEU A 21 4.47 -18.43 -0.03
C LEU A 21 5.99 -18.48 0.04
N THR A 22 6.56 -19.61 0.45
CA THR A 22 8.02 -19.75 0.49
C THR A 22 8.59 -20.29 -0.81
N ASN A 23 7.75 -20.89 -1.66
CA ASN A 23 8.15 -21.19 -3.03
C ASN A 23 7.55 -20.10 -3.91
N PRO A 24 8.35 -19.15 -4.40
CA PRO A 24 7.74 -18.01 -5.13
C PRO A 24 7.07 -18.42 -6.41
N ASN A 25 7.34 -19.62 -6.93
CA ASN A 25 6.64 -20.08 -8.13
C ASN A 25 5.14 -20.21 -7.88
N ASP A 26 4.74 -20.64 -6.67
CA ASP A 26 3.33 -20.89 -6.42
C ASP A 26 2.48 -19.65 -6.69
N LEU A 27 3.02 -18.46 -6.42
CA LEU A 27 2.22 -17.24 -6.54
C LEU A 27 1.88 -16.94 -8.00
N TYR A 28 2.80 -17.23 -8.93
CA TYR A 28 2.47 -17.14 -10.35
C TYR A 28 1.27 -18.01 -10.70
N TRP A 29 1.23 -19.24 -10.18
CA TRP A 29 0.10 -20.11 -10.50
C TRP A 29 -1.18 -19.66 -9.81
N MET A 30 -1.07 -19.15 -8.58
CA MET A 30 -2.25 -18.63 -7.91
C MET A 30 -2.84 -17.45 -8.68
N VAL A 31 -1.99 -16.51 -9.10
CA VAL A 31 -2.48 -15.32 -9.80
C VAL A 31 -3.07 -15.71 -11.16
N ASP A 32 -2.39 -16.62 -11.87
CA ASP A 32 -2.91 -17.15 -13.13
C ASP A 32 -4.27 -17.81 -12.94
N PHE A 33 -4.42 -18.61 -11.87
CA PHE A 33 -5.71 -19.21 -11.57
C PHE A 33 -6.78 -18.15 -11.31
N LEU A 34 -6.44 -17.11 -10.56
CA LEU A 34 -7.45 -16.11 -10.23
C LEU A 34 -7.93 -15.39 -11.48
N LYS A 35 -7.01 -15.06 -12.38
CA LYS A 35 -7.41 -14.41 -13.63
C LYS A 35 -8.29 -15.32 -14.49
N GLU A 36 -7.92 -16.60 -14.62
CA GLU A 36 -8.72 -17.51 -15.46
C GLU A 36 -10.09 -17.78 -14.86
N LYS A 37 -10.16 -17.92 -13.54
CA LYS A 37 -11.43 -18.26 -12.92
C LYS A 37 -12.36 -17.06 -12.79
N TYR A 38 -11.80 -15.87 -12.55
CA TYR A 38 -12.65 -14.73 -12.23
C TYR A 38 -12.68 -13.75 -13.40
N TYR A 39 -11.67 -12.89 -13.50
CA TYR A 39 -11.57 -11.91 -14.58
C TYR A 39 -11.92 -12.48 -15.96
N ASP A 40 -11.35 -13.64 -16.32
CA ASP A 40 -11.55 -14.19 -17.65
C ASP A 40 -12.98 -14.66 -17.89
N ASN A 41 -13.77 -14.86 -16.83
CA ASN A 41 -15.17 -15.24 -16.95
C ASN A 41 -16.10 -14.06 -16.72
N GLY A 42 -15.58 -12.84 -16.69
CA GLY A 42 -16.41 -11.69 -16.44
C GLY A 42 -16.86 -11.56 -15.00
N ASP A 43 -16.23 -12.30 -14.09
CA ASP A 43 -16.59 -12.31 -12.67
C ASP A 43 -15.50 -11.53 -11.92
N TYR A 44 -15.83 -10.33 -11.47
CA TYR A 44 -14.84 -9.48 -10.82
C TYR A 44 -15.01 -9.45 -9.30
N TYR A 45 -15.57 -10.51 -8.72
CA TYR A 45 -15.84 -10.59 -7.29
C TYR A 45 -14.92 -11.64 -6.70
N TYR A 46 -13.83 -11.20 -6.07
CA TYR A 46 -12.83 -12.12 -5.56
C TYR A 46 -13.13 -12.51 -4.11
N PRO A 47 -13.00 -13.79 -3.77
CA PRO A 47 -13.44 -14.26 -2.45
C PRO A 47 -12.45 -13.93 -1.33
N ILE A 48 -12.99 -13.59 -0.18
CA ILE A 48 -12.24 -13.37 1.05
C ILE A 48 -12.90 -14.19 2.15
N LYS A 49 -12.18 -15.15 2.72
CA LYS A 49 -12.75 -16.03 3.72
C LYS A 49 -11.89 -15.92 4.98
N THR A 50 -12.45 -15.37 6.04
CA THR A 50 -11.72 -15.21 7.29
C THR A 50 -12.73 -15.26 8.43
N VAL A 51 -12.30 -14.86 9.63
CA VAL A 51 -13.18 -14.83 10.81
C VAL A 51 -12.91 -13.55 11.58
N CYS A 52 -13.92 -13.13 12.35
CA CYS A 52 -13.75 -12.00 13.26
C CYS A 52 -14.61 -12.29 14.47
N ASP A 53 -13.98 -12.42 15.64
CA ASP A 53 -14.69 -12.68 16.89
C ASP A 53 -15.49 -13.98 16.81
N GLY A 54 -14.95 -14.98 16.12
CA GLY A 54 -15.67 -16.22 15.90
C GLY A 54 -16.74 -16.16 14.82
N GLU A 55 -17.02 -14.99 14.26
CA GLU A 55 -18.00 -14.89 13.19
C GLU A 55 -17.34 -15.21 11.85
N SER A 56 -18.04 -15.97 11.01
CA SER A 56 -17.55 -16.24 9.68
C SER A 56 -17.63 -14.98 8.83
N ILE A 57 -16.50 -14.58 8.25
CA ILE A 57 -16.44 -13.46 7.31
C ILE A 57 -16.22 -14.08 5.92
N ASP A 58 -17.28 -14.12 5.11
CA ASP A 58 -17.23 -14.74 3.79
C ASP A 58 -17.81 -13.74 2.79
N VAL A 59 -16.94 -12.98 2.12
CA VAL A 59 -17.36 -11.86 1.30
C VAL A 59 -16.61 -11.90 -0.02
N LYS A 60 -16.96 -10.99 -0.92
CA LYS A 60 -16.27 -10.85 -2.19
C LYS A 60 -15.86 -9.40 -2.39
N PHE A 61 -14.60 -9.20 -2.79
CA PHE A 61 -14.10 -7.87 -3.13
C PHE A 61 -14.28 -7.63 -4.63
N TYR A 62 -14.99 -6.57 -4.98
CA TYR A 62 -15.19 -6.22 -6.38
C TYR A 62 -14.00 -5.42 -6.90
N CYS A 63 -13.42 -5.87 -8.01
CA CYS A 63 -12.36 -5.13 -8.68
C CYS A 63 -12.24 -5.62 -10.12
N PRO A 64 -12.52 -4.77 -11.11
CA PRO A 64 -12.63 -5.26 -12.48
C PRO A 64 -11.35 -5.17 -13.30
N PHE A 65 -10.18 -5.08 -12.67
CA PHE A 65 -8.94 -4.88 -13.40
C PHE A 65 -8.16 -6.20 -13.54
N GLU A 66 -7.34 -6.26 -14.58
CA GLU A 66 -6.65 -7.50 -14.94
C GLU A 66 -5.62 -7.91 -13.89
N PRO A 67 -5.71 -9.12 -13.32
CA PRO A 67 -4.67 -9.58 -12.39
C PRO A 67 -3.35 -9.85 -13.11
N SER A 68 -2.25 -9.61 -12.41
CA SER A 68 -0.94 -9.94 -12.94
C SER A 68 0.08 -9.98 -11.81
N LEU A 69 1.22 -10.63 -12.07
CA LEU A 69 2.32 -10.70 -11.14
C LEU A 69 3.61 -10.33 -11.85
N SER A 70 4.45 -9.54 -11.20
CA SER A 70 5.69 -9.09 -11.84
C SER A 70 6.56 -10.29 -12.24
N PRO A 71 7.13 -10.27 -13.45
CA PRO A 71 8.17 -11.27 -13.77
C PRO A 71 9.36 -11.20 -12.83
N HIS A 72 9.56 -10.10 -12.11
CA HIS A 72 10.70 -9.96 -11.23
C HIS A 72 10.47 -10.55 -9.85
N TYR A 73 9.28 -11.09 -9.57
CA TYR A 73 9.03 -11.65 -8.24
C TYR A 73 10.03 -12.74 -7.87
N LEU A 74 10.38 -13.61 -8.82
CA LEU A 74 11.35 -14.67 -8.54
C LEU A 74 12.66 -14.10 -8.03
N GLU A 75 13.21 -13.11 -8.74
CA GLU A 75 14.49 -12.53 -8.32
C GLU A 75 14.35 -11.71 -7.04
N LEU A 76 13.25 -10.96 -6.92
CA LEU A 76 13.00 -10.21 -5.69
C LEU A 76 12.94 -11.15 -4.50
N TYR A 77 12.17 -12.24 -4.62
CA TYR A 77 12.11 -13.22 -3.54
C TYR A 77 13.48 -13.84 -3.28
N GLY A 78 14.24 -14.13 -4.34
CA GLY A 78 15.53 -14.76 -4.16
C GLY A 78 16.57 -13.87 -3.51
N SER A 79 16.33 -12.57 -3.46
CA SER A 79 17.27 -11.65 -2.83
C SER A 79 16.71 -11.01 -1.57
N ARG A 80 15.76 -11.67 -0.91
CA ARG A 80 15.05 -11.06 0.21
C ARG A 80 15.91 -10.97 1.47
N ASP A 81 16.84 -11.90 1.67
CA ASP A 81 17.69 -11.84 2.86
C ASP A 81 18.65 -10.67 2.77
N GLU A 82 19.21 -10.42 1.59
CA GLU A 82 20.06 -9.23 1.46
C GLU A 82 19.23 -7.97 1.56
N ARG A 83 18.00 -7.96 1.02
CA ARG A 83 17.16 -6.79 1.16
C ARG A 83 16.85 -6.51 2.63
N ALA A 84 16.54 -7.56 3.39
CA ALA A 84 16.16 -7.39 4.79
C ALA A 84 17.33 -6.91 5.66
N SER A 85 18.58 -7.10 5.22
CA SER A 85 19.71 -6.67 6.04
C SER A 85 19.80 -5.16 6.15
N ILE A 86 19.10 -4.43 5.27
CA ILE A 86 19.00 -2.96 5.33
C ILE A 86 18.22 -2.51 6.56
N TYR A 87 17.32 -3.37 7.05
CA TYR A 87 16.31 -2.98 8.03
C TYR A 87 16.78 -3.33 9.43
N GLU A 88 16.30 -2.56 10.40
CA GLU A 88 16.33 -3.01 11.79
C GLU A 88 15.06 -3.82 12.02
N THR A 89 15.22 -5.15 12.13
CA THR A 89 14.06 -6.02 12.10
C THR A 89 14.47 -7.44 12.47
N THR A 90 13.53 -8.16 13.05
CA THR A 90 13.59 -9.62 13.01
C THR A 90 13.04 -10.11 11.68
N MET A 91 13.47 -11.31 11.26
CA MET A 91 12.92 -11.87 10.04
C MET A 91 11.44 -12.18 10.18
N LYS A 92 11.00 -12.53 11.39
CA LYS A 92 9.57 -12.79 11.61
C LYS A 92 8.71 -11.60 11.20
N LYS A 93 9.16 -10.39 11.55
CA LYS A 93 8.43 -9.17 11.21
C LYS A 93 8.55 -8.87 9.72
N TYR A 94 9.76 -9.02 9.18
CA TYR A 94 9.97 -8.78 7.75
C TYR A 94 9.13 -9.72 6.91
N ASN A 95 9.01 -10.98 7.33
CA ASN A 95 8.27 -11.97 6.56
C ASN A 95 6.78 -11.65 6.52
N ARG A 96 6.22 -11.12 7.62
CA ARG A 96 4.80 -10.82 7.61
C ARG A 96 4.50 -9.60 6.73
N ILE A 97 5.41 -8.62 6.71
CA ILE A 97 5.19 -7.45 5.89
C ILE A 97 5.25 -7.83 4.41
N ASN A 98 6.20 -8.68 4.04
CA ASN A 98 6.30 -9.30 2.72
C ASN A 98 6.18 -8.28 1.59
N SER A 99 7.10 -7.30 1.60
N SER A 99 7.10 -7.31 1.61
CA SER A 99 7.07 -6.26 0.58
CA SER A 99 7.09 -6.26 0.59
C SER A 99 7.47 -6.78 -0.80
C SER A 99 7.46 -6.80 -0.79
N GLU A 100 8.21 -7.89 -0.87
CA GLU A 100 8.50 -8.51 -2.15
C GLU A 100 7.19 -8.91 -2.84
N LYS A 101 6.27 -9.51 -2.08
CA LYS A 101 4.99 -9.93 -2.65
C LYS A 101 4.12 -8.73 -2.96
N THR A 102 4.03 -7.78 -2.01
CA THR A 102 3.20 -6.60 -2.22
CA THR A 102 3.18 -6.61 -2.23
C THR A 102 3.58 -5.86 -3.50
N SER A 103 4.86 -5.51 -3.63
CA SER A 103 5.30 -4.75 -4.80
C SER A 103 5.15 -5.56 -6.09
N ALA A 104 5.49 -6.85 -6.07
CA ALA A 104 5.40 -7.62 -7.30
C ALA A 104 3.98 -7.70 -7.83
N ILE A 105 3.00 -7.67 -6.93
CA ILE A 105 1.63 -7.89 -7.36
C ILE A 105 0.90 -6.57 -7.61
N CYS A 106 1.32 -5.47 -6.98
CA CYS A 106 0.74 -4.16 -7.23
C CYS A 106 1.44 -3.38 -8.33
N THR A 107 2.66 -3.76 -8.70
CA THR A 107 3.47 -3.09 -9.72
C THR A 107 4.01 -4.15 -10.67
N PRO A 108 3.16 -4.69 -11.54
CA PRO A 108 3.50 -5.95 -12.23
C PRO A 108 4.32 -5.82 -13.50
N TYR A 109 4.51 -4.61 -14.03
CA TYR A 109 5.09 -4.47 -15.37
C TYR A 109 6.20 -3.41 -15.37
N SER A 110 7.09 -3.44 -14.39
CA SER A 110 8.16 -2.46 -14.29
C SER A 110 9.50 -3.18 -14.25
N SER A 111 10.56 -2.39 -14.38
CA SER A 111 11.90 -2.98 -14.25
C SER A 111 12.11 -3.44 -12.81
N TYR A 112 13.19 -4.22 -12.63
CA TYR A 112 13.52 -4.74 -11.31
C TYR A 112 13.64 -3.61 -10.29
N GLY A 113 14.41 -2.57 -10.62
CA GLY A 113 14.66 -1.48 -9.68
C GLY A 113 13.43 -0.62 -9.43
N ASP A 114 12.57 -0.45 -10.45
CA ASP A 114 11.32 0.29 -10.28
C ASP A 114 10.27 -0.52 -9.53
N THR A 115 10.40 -1.85 -9.51
CA THR A 115 9.55 -2.67 -8.67
C THR A 115 10.05 -2.64 -7.23
N GLN A 116 11.37 -2.79 -7.05
CA GLN A 116 11.96 -2.80 -5.72
C GLN A 116 11.73 -1.46 -4.99
N ILE A 117 11.76 -0.34 -5.72
CA ILE A 117 11.58 0.94 -5.03
C ILE A 117 10.18 1.02 -4.44
N VAL A 118 9.20 0.42 -5.09
CA VAL A 118 7.85 0.36 -4.53
C VAL A 118 7.84 -0.52 -3.28
N ALA A 119 8.54 -1.66 -3.32
CA ALA A 119 8.68 -2.48 -2.12
C ALA A 119 9.22 -1.65 -0.95
N TYR A 120 10.23 -0.84 -1.21
CA TYR A 120 10.83 -0.02 -0.17
C TYR A 120 9.81 0.96 0.41
N PHE A 121 9.04 1.64 -0.46
CA PHE A 121 8.07 2.62 0.03
C PHE A 121 6.99 1.95 0.88
N TYR A 122 6.49 0.79 0.45
CA TYR A 122 5.49 0.12 1.26
C TYR A 122 6.09 -0.35 2.59
N SER A 123 7.33 -0.83 2.56
CA SER A 123 7.95 -1.27 3.82
C SER A 123 8.18 -0.08 4.76
N MET A 124 8.47 1.10 4.22
CA MET A 124 8.64 2.28 5.07
C MET A 124 7.35 2.55 5.83
N MET A 125 6.21 2.49 5.12
CA MET A 125 4.93 2.68 5.78
C MET A 125 4.72 1.63 6.86
N TYR A 126 5.02 0.37 6.56
CA TYR A 126 4.81 -0.69 7.53
C TYR A 126 5.68 -0.52 8.76
N TYR A 127 6.97 -0.18 8.58
CA TYR A 127 7.85 -0.04 9.74
C TYR A 127 7.51 1.21 10.55
N ILE A 128 7.23 2.34 9.91
CA ILE A 128 6.77 3.51 10.66
C ILE A 128 5.45 3.22 11.34
N ASN A 129 4.54 2.53 10.64
CA ASN A 129 3.26 2.15 11.25
C ASN A 129 3.46 1.32 12.50
N ASP A 130 4.38 0.35 12.48
CA ASP A 130 4.53 -0.50 13.66
C ASP A 130 5.23 0.24 14.79
N GLN A 131 6.00 1.28 14.49
CA GLN A 131 6.52 2.14 15.54
C GLN A 131 5.40 2.98 16.15
N THR A 132 4.51 3.54 15.30
CA THR A 132 3.35 4.26 15.80
C THR A 132 2.41 3.38 16.61
N ALA A 133 2.40 2.07 16.34
CA ALA A 133 1.48 1.14 17.00
C ALA A 133 1.74 1.01 18.51
N HIS A 134 2.88 1.50 19.00
CA HIS A 134 3.09 1.56 20.44
C HIS A 134 1.95 2.32 21.13
N LEU A 135 1.41 3.34 20.47
CA LEU A 135 0.30 4.10 21.02
C LEU A 135 -1.00 3.32 21.11
N LYS A 136 -1.09 2.14 20.49
CA LYS A 136 -2.28 1.32 20.66
C LYS A 136 -2.38 0.78 22.08
N LEU A 137 -1.24 0.64 22.77
CA LEU A 137 -1.22 0.05 24.10
C LEU A 137 -2.08 0.85 25.08
N PRO A 138 -2.53 0.21 26.16
CA PRO A 138 -3.20 0.96 27.23
C PRO A 138 -2.26 1.98 27.86
N GLU A 139 -2.83 3.08 28.35
CA GLU A 139 -2.04 4.22 28.80
C GLU A 139 -1.03 3.83 29.86
N SER A 140 -1.32 2.79 30.63
CA SER A 140 -0.37 2.32 31.65
C SER A 140 0.96 1.91 31.02
N GLU A 141 0.93 1.36 29.81
CA GLU A 141 2.10 0.75 29.21
C GLU A 141 2.82 1.64 28.20
N ILE A 142 2.36 2.86 28.00
CA ILE A 142 2.96 3.72 26.99
C ILE A 142 4.20 4.38 27.57
N GLU A 143 5.28 4.36 26.81
CA GLU A 143 6.58 4.92 27.21
C GLU A 143 6.80 6.23 26.46
N SER A 144 6.84 7.35 27.20
CA SER A 144 7.01 8.64 26.55
CA SER A 144 7.03 8.66 26.59
C SER A 144 8.29 8.71 25.73
N GLU A 145 9.36 8.02 26.17
CA GLU A 145 10.61 8.08 25.41
C GLU A 145 10.48 7.47 24.03
N LEU A 146 9.65 6.43 23.88
CA LEU A 146 9.45 5.86 22.54
C LEU A 146 8.69 6.82 21.64
N ILE A 147 7.75 7.57 22.22
CA ILE A 147 7.00 8.57 21.46
C ILE A 147 7.91 9.74 21.06
N ASP A 148 8.79 10.17 21.97
CA ASP A 148 9.77 11.20 21.62
C ASP A 148 10.62 10.75 20.45
N ILE A 149 11.14 9.51 20.51
CA ILE A 149 11.92 8.94 19.41
C ILE A 149 11.12 8.97 18.11
N LEU A 150 9.87 8.50 18.16
CA LEU A 150 9.06 8.46 16.95
C LEU A 150 8.91 9.84 16.33
N ASN A 151 8.51 10.82 17.15
CA ASN A 151 8.31 12.18 16.65
C ASN A 151 9.60 12.75 16.06
N ASP A 152 10.74 12.48 16.69
CA ASP A 152 11.99 12.96 16.13
CA ASP A 152 12.03 12.93 16.15
C ASP A 152 12.37 12.21 14.85
N ASP A 153 12.08 10.90 14.78
CA ASP A 153 12.43 10.12 13.60
C ASP A 153 11.72 10.65 12.35
N ILE A 154 10.42 10.93 12.46
CA ILE A 154 9.72 11.30 11.22
C ILE A 154 10.14 12.67 10.73
N LEU A 155 10.55 13.56 11.65
CA LEU A 155 11.11 14.84 11.22
C LEU A 155 12.42 14.66 10.48
N ILE A 156 13.27 13.76 10.96
CA ILE A 156 14.56 13.51 10.33
C ILE A 156 14.38 12.79 9.00
N TYR A 157 13.43 11.83 8.95
CA TYR A 157 13.10 11.19 7.67
C TYR A 157 12.61 12.22 6.66
N LEU A 158 11.69 13.09 7.10
CA LEU A 158 11.19 14.15 6.23
C LEU A 158 12.32 14.98 5.64
N ASN A 159 13.29 15.36 6.47
CA ASN A 159 14.39 16.17 5.97
C ASN A 159 15.23 15.41 4.95
N GLU A 160 15.35 14.10 5.10
CA GLU A 160 16.12 13.32 4.14
C GLU A 160 15.50 13.40 2.75
N PHE A 161 14.17 13.38 2.66
CA PHE A 161 13.50 13.61 1.39
C PHE A 161 13.68 15.06 0.93
N MET A 162 13.59 16.02 1.85
CA MET A 162 13.87 17.41 1.48
C MET A 162 15.26 17.57 0.87
N SER A 163 16.23 16.74 1.30
CA SER A 163 17.61 16.97 0.91
C SER A 163 17.91 16.58 -0.53
N ILE A 164 17.06 15.76 -1.16
CA ILE A 164 17.21 15.44 -2.58
C ILE A 164 16.35 16.33 -3.46
N PHE A 165 15.62 17.26 -2.88
CA PHE A 165 14.62 18.04 -3.59
C PHE A 165 15.23 19.40 -3.97
N GLU A 166 15.45 19.61 -5.26
CA GLU A 166 15.86 20.90 -5.79
C GLU A 166 15.11 21.14 -7.09
N PRO A 167 13.90 21.68 -7.00
CA PRO A 167 13.06 21.77 -8.20
C PRO A 167 13.62 22.75 -9.21
N GLU A 168 13.30 22.50 -10.48
CA GLU A 168 13.68 23.41 -11.54
C GLU A 168 12.83 24.69 -11.50
N ASP A 169 11.57 24.56 -11.11
CA ASP A 169 10.62 25.67 -11.09
C ASP A 169 10.43 26.12 -9.65
N ALA A 170 10.52 27.45 -9.44
CA ALA A 170 10.38 28.02 -8.10
C ALA A 170 8.99 27.81 -7.53
N GLN A 171 7.96 27.73 -8.38
CA GLN A 171 6.63 27.48 -7.85
C GLN A 171 6.54 26.10 -7.21
N ASP A 172 7.39 25.16 -7.62
CA ASP A 172 7.38 23.83 -7.02
C ASP A 172 8.04 23.83 -5.65
N LEU A 173 9.12 24.60 -5.47
CA LEU A 173 9.66 24.79 -4.13
C LEU A 173 8.62 25.37 -3.19
N GLU A 174 7.84 26.34 -3.68
CA GLU A 174 6.82 26.95 -2.85
C GLU A 174 5.68 25.99 -2.56
N ARG A 175 5.35 25.11 -3.52
CA ARG A 175 4.30 24.13 -3.29
C ARG A 175 4.60 23.30 -2.06
N ILE A 176 5.82 22.76 -1.97
CA ILE A 176 6.20 21.93 -0.84
C ILE A 176 6.30 22.76 0.43
N TRP A 177 6.95 23.94 0.34
CA TRP A 177 7.12 24.80 1.51
C TRP A 177 5.79 25.14 2.16
N ASP A 178 4.81 25.57 1.36
CA ASP A 178 3.50 25.89 1.93
C ASP A 178 2.79 24.66 2.48
N PHE A 179 3.14 23.47 1.98
CA PHE A 179 2.47 22.23 2.38
C PHE A 179 3.03 21.67 3.68
N LEU A 180 4.20 22.15 4.14
CA LEU A 180 4.79 21.65 5.38
C LEU A 180 3.92 21.91 6.62
N ASP A 181 3.03 22.90 6.57
CA ASP A 181 2.09 23.19 7.65
C ASP A 181 2.78 23.29 9.01
N PHE A 182 2.35 22.46 9.97
CA PHE A 182 2.92 22.52 11.31
C PHE A 182 4.40 22.15 11.37
N TYR A 183 4.97 21.56 10.31
CA TYR A 183 6.41 21.31 10.31
C TYR A 183 7.22 22.48 9.76
N GLN A 184 6.57 23.42 9.10
CA GLN A 184 7.30 24.51 8.45
C GLN A 184 8.26 25.25 9.37
N PRO A 185 7.91 25.57 10.63
CA PRO A 185 8.87 26.31 11.48
C PRO A 185 10.18 25.59 11.71
N TYR A 186 10.26 24.28 11.45
CA TYR A 186 11.51 23.57 11.66
C TYR A 186 12.48 23.71 10.49
N PHE A 187 12.02 24.22 9.35
CA PHE A 187 12.79 24.23 8.12
C PHE A 187 13.04 25.67 7.67
N SER A 188 13.99 25.84 6.76
CA SER A 188 14.15 27.12 6.08
C SER A 188 14.50 26.89 4.62
N LYS A 189 14.20 27.90 3.80
CA LYS A 189 14.57 27.89 2.39
C LYS A 189 15.99 28.43 2.25
N VAL A 190 16.93 27.53 1.98
CA VAL A 190 18.34 27.84 1.70
C VAL A 190 18.69 27.18 0.39
N ASP A 191 19.58 27.81 -0.39
CA ASP A 191 20.16 27.19 -1.58
C ASP A 191 19.15 27.04 -2.71
N GLY A 192 17.89 27.44 -2.50
CA GLY A 192 16.81 26.95 -3.34
C GLY A 192 16.34 25.56 -2.93
N LYS A 193 16.63 25.15 -1.70
CA LYS A 193 16.21 23.88 -1.12
C LYS A 193 15.56 24.15 0.23
N ILE A 194 14.87 23.15 0.74
CA ILE A 194 14.28 23.20 2.07
C ILE A 194 15.15 22.36 2.97
N VAL A 195 15.58 22.91 4.11
CA VAL A 195 16.58 22.26 4.94
C VAL A 195 16.19 22.34 6.41
N LEU A 196 16.33 21.21 7.11
CA LEU A 196 16.06 21.15 8.53
C LEU A 196 17.18 21.84 9.30
N ASP A 197 16.79 22.63 10.30
CA ASP A 197 17.77 23.27 11.17
C ASP A 197 18.62 22.20 11.87
N GLU A 198 19.94 22.27 11.70
CA GLU A 198 20.80 21.17 12.15
C GLU A 198 20.70 20.94 13.65
N LYS A 199 20.18 21.91 14.39
CA LYS A 199 19.83 21.69 15.80
C LYS A 199 19.03 20.41 16.02
N TYR A 200 18.24 20.00 15.03
CA TYR A 200 17.27 18.93 15.20
C TYR A 200 17.73 17.59 14.67
N LEU A 201 18.94 17.50 14.13
CA LEU A 201 19.50 16.22 13.70
C LEU A 201 20.17 15.53 14.89
N VAL A 202 19.32 15.11 15.83
CA VAL A 202 19.76 14.70 17.16
C VAL A 202 19.88 13.19 17.31
N ARG A 203 19.64 12.41 16.26
CA ARG A 203 19.78 10.96 16.36
C ARG A 203 19.84 10.37 14.95
N THR A 204 20.21 9.09 14.90
CA THR A 204 20.09 8.31 13.68
C THR A 204 18.89 7.39 13.85
N PRO A 205 17.76 7.66 13.18
CA PRO A 205 16.60 6.77 13.32
C PRO A 205 16.92 5.34 12.92
N SER A 206 16.15 4.42 13.48
CA SER A 206 16.41 2.99 13.32
C SER A 206 16.31 2.53 11.86
N GLN A 207 15.47 3.18 11.03
CA GLN A 207 15.34 2.81 9.62
C GLN A 207 15.93 3.86 8.69
N MET A 208 16.87 4.67 9.16
CA MET A 208 17.56 5.59 8.27
CA MET A 208 17.58 5.60 8.28
C MET A 208 18.20 4.91 7.07
N PRO A 209 18.81 3.70 7.17
CA PRO A 209 19.32 3.08 5.94
C PRO A 209 18.25 2.87 4.88
N LEU A 210 17.05 2.44 5.28
CA LEU A 210 15.94 2.32 4.33
C LEU A 210 15.62 3.66 3.67
N ILE A 211 15.41 4.70 4.46
CA ILE A 211 15.02 5.99 3.90
C ILE A 211 16.13 6.55 3.00
N LYS A 212 17.39 6.35 3.39
CA LYS A 212 18.50 6.76 2.53
C LYS A 212 18.52 5.96 1.23
N THR A 213 18.17 4.68 1.29
CA THR A 213 18.11 3.88 0.07
C THR A 213 17.05 4.41 -0.87
N ILE A 214 15.89 4.77 -0.33
CA ILE A 214 14.82 5.34 -1.14
C ILE A 214 15.27 6.65 -1.78
N CYS A 215 15.79 7.57 -0.95
CA CYS A 215 16.17 8.89 -1.46
C CYS A 215 17.25 8.78 -2.52
N GLU A 216 18.22 7.90 -2.31
CA GLU A 216 19.29 7.72 -3.29
C GLU A 216 18.72 7.23 -4.61
N TYR A 217 17.77 6.30 -4.58
CA TYR A 217 17.19 5.79 -5.83
C TYR A 217 16.45 6.89 -6.57
N VAL A 218 15.58 7.63 -5.86
CA VAL A 218 14.83 8.70 -6.52
C VAL A 218 15.77 9.78 -7.02
N SER A 219 16.82 10.07 -6.25
CA SER A 219 17.77 11.09 -6.65
C SER A 219 18.51 10.69 -7.92
N GLU A 220 18.99 9.45 -7.98
CA GLU A 220 19.82 9.03 -9.09
C GLU A 220 19.01 8.62 -10.32
N GLN A 221 17.80 8.09 -10.15
CA GLN A 221 17.03 7.60 -11.28
C GLN A 221 16.09 8.62 -11.89
N PHE A 222 15.52 9.53 -11.08
CA PHE A 222 14.46 10.38 -11.61
C PHE A 222 14.77 11.87 -11.53
N ALA A 223 15.45 12.32 -10.47
CA ALA A 223 15.71 13.75 -10.34
C ALA A 223 16.49 14.36 -11.51
N PRO A 224 17.44 13.67 -12.15
CA PRO A 224 18.14 14.32 -13.28
C PRO A 224 17.24 14.75 -14.41
N SER A 225 16.22 13.96 -14.74
CA SER A 225 15.42 14.20 -15.93
C SER A 225 13.96 14.53 -15.67
N LYS A 226 13.43 14.20 -14.49
CA LYS A 226 12.01 14.30 -14.21
CA LYS A 226 12.01 14.32 -14.23
C LYS A 226 11.77 15.27 -13.06
N ASN A 227 10.56 15.82 -13.03
CA ASN A 227 10.10 16.65 -11.92
C ASN A 227 9.62 15.71 -10.82
N ILE A 228 10.34 15.66 -9.70
CA ILE A 228 10.04 14.72 -8.61
C ILE A 228 9.20 15.39 -7.50
N THR A 229 8.60 16.54 -7.78
CA THR A 229 7.90 17.28 -6.73
C THR A 229 6.74 16.50 -6.14
N GLN A 230 6.04 15.70 -6.95
CA GLN A 230 4.89 14.99 -6.38
C GLN A 230 5.32 13.88 -5.44
N VAL A 231 6.45 13.23 -5.72
CA VAL A 231 7.00 12.27 -4.76
C VAL A 231 7.23 12.95 -3.42
N ILE A 232 7.90 14.11 -3.44
CA ILE A 232 8.13 14.86 -2.19
C ILE A 232 6.80 15.23 -1.55
N TRP A 233 5.86 15.72 -2.36
CA TRP A 233 4.56 16.14 -1.83
C TRP A 233 3.83 15.01 -1.14
N GLU A 234 3.84 13.81 -1.74
CA GLU A 234 3.14 12.67 -1.14
C GLU A 234 3.83 12.19 0.13
N VAL A 235 5.17 12.26 0.18
CA VAL A 235 5.89 11.94 1.41
C VAL A 235 5.55 12.92 2.52
N VAL A 236 5.48 14.22 2.19
CA VAL A 236 5.04 15.22 3.17
C VAL A 236 3.61 14.93 3.63
N ARG A 237 2.72 14.61 2.68
CA ARG A 237 1.35 14.25 3.06
CA ARG A 237 1.35 14.26 3.08
C ARG A 237 1.35 13.07 4.02
N TYR A 238 2.16 12.05 3.72
CA TYR A 238 2.23 10.86 4.55
C TYR A 238 2.77 11.18 5.95
N ILE A 239 3.91 11.87 6.02
CA ILE A 239 4.53 12.19 7.31
C ILE A 239 3.59 13.04 8.16
N LYS A 240 2.94 14.04 7.56
CA LYS A 240 1.96 14.81 8.33
C LYS A 240 0.81 13.92 8.79
N GLY A 241 0.38 12.97 7.94
CA GLY A 241 -0.67 12.06 8.36
C GLY A 241 -0.28 11.20 9.54
N VAL A 242 0.97 10.74 9.56
CA VAL A 242 1.45 9.98 10.72
C VAL A 242 1.39 10.83 11.98
N LYS A 243 1.80 12.10 11.88
CA LYS A 243 1.70 13.00 13.02
C LYS A 243 0.24 13.16 13.46
N ASP A 244 -0.68 13.27 12.50
CA ASP A 244 -2.10 13.29 12.85
C ASP A 244 -2.53 12.03 13.58
N GLU A 245 -2.01 10.87 13.16
CA GLU A 245 -2.37 9.62 13.84
C GLU A 245 -1.80 9.58 15.24
N ILE A 246 -0.57 10.06 15.41
CA ILE A 246 0.02 10.16 16.75
C ILE A 246 -0.87 10.99 17.66
N HIS A 247 -1.36 12.13 17.16
CA HIS A 247 -2.23 12.99 17.94
CA HIS A 247 -2.24 12.99 17.94
C HIS A 247 -3.52 12.27 18.34
N ILE A 248 -4.16 11.58 17.37
CA ILE A 248 -5.44 10.93 17.65
C ILE A 248 -5.26 9.76 18.61
N ARG A 249 -4.26 8.91 18.37
CA ARG A 249 -4.02 7.76 19.23
C ARG A 249 -3.50 8.20 20.59
N GLY A 250 -2.70 9.26 20.64
CA GLY A 250 -2.23 9.79 21.91
C GLY A 250 -3.34 10.37 22.76
N ASP A 251 -4.48 10.71 22.15
CA ASP A 251 -5.59 11.32 22.86
C ASP A 251 -6.50 10.31 23.54
N LYS A 252 -6.39 9.03 23.17
CA LYS A 252 -7.18 7.92 23.72
C LYS A 252 -8.68 8.17 23.64
N SER A 253 -9.11 9.18 22.90
CA SER A 253 -10.52 9.42 22.61
C SER A 253 -10.70 9.44 21.11
N PHE A 254 -11.33 8.40 20.57
CA PHE A 254 -11.53 8.25 19.13
C PHE A 254 -12.95 8.68 18.79
N THR A 255 -13.08 9.81 18.10
CA THR A 255 -14.38 10.35 17.75
C THR A 255 -14.51 10.62 16.27
N LEU A 256 -13.70 9.95 15.44
CA LEU A 256 -13.75 10.19 14.00
C LEU A 256 -15.06 9.64 13.43
N SER A 257 -15.74 10.46 12.63
CA SER A 257 -16.78 9.93 11.79
C SER A 257 -16.17 9.11 10.65
N LEU A 258 -17.04 8.44 9.88
CA LEU A 258 -16.55 7.70 8.73
C LEU A 258 -15.93 8.64 7.71
N GLN A 259 -16.54 9.81 7.52
CA GLN A 259 -15.99 10.79 6.60
C GLN A 259 -14.61 11.28 7.05
N GLU A 260 -14.44 11.49 8.36
CA GLU A 260 -13.15 11.93 8.87
C GLU A 260 -12.13 10.81 8.83
N TYR A 261 -12.58 9.56 9.05
CA TYR A 261 -11.70 8.41 8.83
C TYR A 261 -11.21 8.37 7.39
N ASP A 262 -12.12 8.57 6.43
CA ASP A 262 -11.72 8.64 5.03
C ASP A 262 -10.67 9.72 4.80
N ASP A 263 -10.93 10.93 5.29
CA ASP A 263 -9.99 12.03 5.10
C ASP A 263 -8.63 11.69 5.70
N PHE A 264 -8.63 11.01 6.85
CA PHE A 264 -7.37 10.62 7.46
C PHE A 264 -6.68 9.53 6.65
N ARG A 265 -7.43 8.53 6.19
CA ARG A 265 -6.80 7.44 5.44
C ARG A 265 -6.28 7.93 4.08
N ASP A 266 -6.88 8.98 3.52
CA ASP A 266 -6.35 9.59 2.31
C ASP A 266 -4.88 9.99 2.47
N LYS A 267 -4.44 10.25 3.70
CA LYS A 267 -3.07 10.71 3.93
C LYS A 267 -2.08 9.60 4.22
N VAL A 268 -2.52 8.50 4.85
CA VAL A 268 -1.58 7.55 5.43
C VAL A 268 -1.56 6.20 4.71
N THR A 269 -2.32 6.03 3.62
CA THR A 269 -2.39 4.72 2.98
C THR A 269 -1.10 4.37 2.22
N ALA A 270 -0.28 5.38 1.89
CA ALA A 270 1.08 5.20 1.34
C ALA A 270 1.10 4.80 -0.13
N SER A 271 0.05 4.16 -0.64
CA SER A 271 0.01 3.91 -2.07
C SER A 271 0.17 5.18 -2.93
N PRO A 272 -0.28 6.37 -2.52
CA PRO A 272 0.00 7.56 -3.36
C PRO A 272 1.48 7.85 -3.51
N MET A 273 2.31 7.50 -2.52
CA MET A 273 3.75 7.64 -2.69
C MET A 273 4.27 6.65 -3.73
N ALA A 274 3.86 5.38 -3.62
CA ALA A 274 4.24 4.39 -4.63
C ALA A 274 3.80 4.84 -6.03
N HIS A 275 2.58 5.36 -6.15
CA HIS A 275 2.11 5.79 -7.46
C HIS A 275 2.96 6.95 -8.00
N ALA A 276 3.31 7.89 -7.14
CA ALA A 276 4.10 9.04 -7.58
C ALA A 276 5.42 8.60 -8.19
N VAL A 277 6.09 7.61 -7.59
CA VAL A 277 7.34 7.16 -8.19
CA VAL A 277 7.34 7.11 -8.15
C VAL A 277 7.08 6.33 -9.44
N SER A 278 6.04 5.46 -9.43
CA SER A 278 5.75 4.69 -10.64
C SER A 278 5.39 5.60 -11.80
N ASP A 279 4.68 6.71 -11.52
CA ASP A 279 4.33 7.66 -12.59
C ASP A 279 5.58 8.12 -13.33
N LEU A 280 6.68 8.30 -12.60
CA LEU A 280 7.94 8.76 -13.17
C LEU A 280 8.63 7.71 -14.04
N THR A 281 8.22 6.45 -13.97
CA THR A 281 8.86 5.42 -14.78
C THR A 281 8.28 5.34 -16.20
N HIS A 282 7.24 6.11 -16.50
CA HIS A 282 6.58 6.05 -17.79
C HIS A 282 6.81 7.35 -18.56
N GLU A 283 7.00 7.21 -19.88
CA GLU A 283 7.12 8.38 -20.75
C GLU A 283 5.80 9.16 -20.81
N ARG A 284 4.67 8.45 -20.77
CA ARG A 284 3.36 9.08 -20.68
C ARG A 284 3.15 9.54 -19.25
N PHE A 285 3.24 10.84 -19.03
CA PHE A 285 3.27 11.40 -17.68
C PHE A 285 2.85 12.86 -17.75
N SER A 286 1.90 13.26 -16.91
CA SER A 286 1.45 14.65 -16.84
C SER A 286 1.57 15.10 -15.39
N TYR A 287 2.57 15.94 -15.10
CA TYR A 287 2.71 16.49 -13.76
C TYR A 287 1.54 17.38 -13.37
N GLU A 288 0.91 18.04 -14.36
CA GLU A 288 -0.25 18.89 -14.09
C GLU A 288 -1.45 18.11 -13.55
N ALA A 289 -1.50 16.79 -13.78
CA ALA A 289 -2.60 15.99 -13.24
C ALA A 289 -2.72 16.10 -11.71
N TYR A 290 -1.60 16.30 -11.03
CA TYR A 290 -1.59 16.22 -9.57
C TYR A 290 -2.30 17.38 -8.90
N THR A 291 -2.54 18.49 -9.60
CA THR A 291 -3.33 19.60 -9.08
C THR A 291 -4.70 19.69 -9.73
N ASN A 292 -5.04 18.75 -10.60
CA ASN A 292 -6.40 18.60 -11.10
C ASN A 292 -7.30 18.08 -9.99
N PRO A 293 -8.32 18.82 -9.56
CA PRO A 293 -9.15 18.35 -8.45
C PRO A 293 -9.78 16.98 -8.66
N ALA A 294 -10.19 16.65 -9.91
CA ALA A 294 -10.78 15.35 -10.15
C ALA A 294 -9.74 14.23 -10.00
N PHE A 295 -8.52 14.45 -10.48
CA PHE A 295 -7.48 13.44 -10.33
C PHE A 295 -7.09 13.28 -8.86
N MET A 296 -7.07 14.37 -8.10
CA MET A 296 -6.79 14.25 -6.68
C MET A 296 -7.85 13.43 -5.97
N GLU A 297 -9.11 13.58 -6.38
CA GLU A 297 -10.20 12.78 -5.82
C GLU A 297 -10.08 11.31 -6.22
N LEU A 298 -9.66 11.06 -7.46
CA LEU A 298 -9.46 9.68 -7.89
C LEU A 298 -8.42 8.99 -7.01
N GLU A 299 -7.33 9.70 -6.67
CA GLU A 299 -6.33 9.13 -5.78
C GLU A 299 -6.90 8.84 -4.40
N ASN A 300 -7.75 9.74 -3.90
CA ASN A 300 -8.39 9.51 -2.61
C ASN A 300 -9.32 8.30 -2.65
N ARG A 301 -10.12 8.14 -3.71
CA ARG A 301 -10.95 6.93 -3.83
C ARG A 301 -10.09 5.68 -3.79
N CYS A 302 -8.95 5.70 -4.47
CA CYS A 302 -8.05 4.56 -4.51
C CYS A 302 -7.53 4.20 -3.11
N SER A 303 -7.08 5.20 -2.34
CA SER A 303 -6.58 4.94 -0.99
C SER A 303 -7.68 4.39 -0.08
N GLU A 304 -8.91 4.90 -0.21
CA GLU A 304 -10.02 4.46 0.62
C GLU A 304 -10.45 3.04 0.29
N ILE A 305 -10.42 2.67 -1.00
CA ILE A 305 -10.77 1.30 -1.38
C ILE A 305 -9.79 0.32 -0.74
N ILE A 306 -8.49 0.58 -0.90
CA ILE A 306 -7.47 -0.25 -0.27
C ILE A 306 -7.68 -0.28 1.25
N THR A 307 -7.98 0.87 1.85
CA THR A 307 -8.27 0.94 3.29
C THR A 307 -9.43 0.03 3.68
N TYR A 308 -10.54 0.11 2.94
CA TYR A 308 -11.71 -0.68 3.31
C TYR A 308 -11.48 -2.18 3.14
N PHE A 309 -10.86 -2.59 2.02
CA PHE A 309 -10.45 -3.98 1.89
C PHE A 309 -9.55 -4.40 3.05
N ASN A 310 -8.56 -3.57 3.37
CA ASN A 310 -7.68 -3.88 4.49
C ASN A 310 -8.45 -3.95 5.81
N ASP A 311 -9.42 -3.05 6.00
CA ASP A 311 -10.22 -3.07 7.21
C ASP A 311 -10.91 -4.42 7.41
N VAL A 312 -11.48 -4.99 6.34
CA VAL A 312 -12.11 -6.30 6.48
C VAL A 312 -11.08 -7.36 6.85
N CYS A 313 -9.94 -7.37 6.14
CA CYS A 313 -8.97 -8.45 6.35
C CYS A 313 -8.25 -8.36 7.69
N THR A 314 -8.07 -7.17 8.24
CA THR A 314 -7.34 -7.03 9.49
C THR A 314 -8.26 -6.89 10.71
N SER A 315 -9.58 -7.08 10.52
CA SER A 315 -10.52 -6.76 11.60
C SER A 315 -10.26 -7.59 12.85
N ASP A 316 -10.03 -8.90 12.72
CA ASP A 316 -9.88 -9.72 13.92
C ASP A 316 -8.63 -9.36 14.71
N ARG A 317 -7.51 -9.16 14.03
CA ARG A 317 -6.28 -8.78 14.72
C ARG A 317 -6.43 -7.41 15.38
N GLU A 318 -7.06 -6.45 14.69
CA GLU A 318 -7.23 -5.13 15.28
C GLU A 318 -8.26 -5.14 16.40
N ARG A 319 -9.28 -5.99 16.30
CA ARG A 319 -10.24 -6.14 17.39
C ARG A 319 -9.52 -6.54 18.68
N LEU A 320 -8.61 -7.51 18.58
CA LEU A 320 -7.85 -7.94 19.75
C LEU A 320 -6.89 -6.86 20.23
N ASP A 321 -6.35 -6.05 19.32
CA ASP A 321 -5.56 -4.88 19.73
C ASP A 321 -6.42 -3.80 20.38
N GLU A 322 -7.75 -3.90 20.29
CA GLU A 322 -8.64 -2.80 20.68
C GLU A 322 -8.31 -1.52 19.90
N ASP A 323 -8.04 -1.69 18.62
CA ASP A 323 -7.68 -0.60 17.73
C ASP A 323 -8.95 -0.04 17.10
N PRO A 324 -9.30 1.24 17.32
CA PRO A 324 -10.55 1.78 16.75
C PRO A 324 -10.42 2.26 15.30
N PHE A 325 -9.22 2.32 14.73
CA PHE A 325 -9.03 2.80 13.35
C PHE A 325 -9.42 1.70 12.38
N ASN A 326 -10.72 1.52 12.18
CA ASN A 326 -11.19 0.46 11.29
C ASN A 326 -12.64 0.76 10.96
N SER A 327 -12.95 0.90 9.67
CA SER A 327 -14.32 1.24 9.27
C SER A 327 -15.32 0.22 9.77
N VAL A 328 -14.92 -1.05 9.93
CA VAL A 328 -15.82 -2.05 10.47
C VAL A 328 -16.29 -1.67 11.87
N PHE A 329 -15.38 -1.15 12.69
CA PHE A 329 -15.71 -0.81 14.08
C PHE A 329 -16.39 0.54 14.18
N ILE A 330 -16.01 1.48 13.32
CA ILE A 330 -16.71 2.76 13.27
C ILE A 330 -18.18 2.53 12.95
N LEU A 331 -18.47 1.66 11.99
CA LEU A 331 -19.86 1.41 11.64
C LEU A 331 -20.61 0.70 12.76
N MET A 332 -19.94 -0.21 13.46
CA MET A 332 -20.59 -0.91 14.58
C MET A 332 -20.88 0.05 15.72
N ASP A 333 -19.97 1.00 15.97
CA ASP A 333 -20.20 1.96 17.03
C ASP A 333 -21.36 2.90 16.70
N LEU A 334 -21.61 3.15 15.42
CA LEU A 334 -22.72 3.99 15.02
C LEU A 334 -24.04 3.24 14.99
N ASP A 335 -24.01 1.94 14.68
CA ASP A 335 -25.23 1.17 14.44
C ASP A 335 -25.20 -0.07 15.32
N PRO A 336 -26.00 -0.10 16.40
CA PRO A 336 -25.92 -1.22 17.35
C PRO A 336 -26.49 -2.53 16.83
N SER A 337 -27.20 -2.52 15.69
CA SER A 337 -27.72 -3.75 15.12
C SER A 337 -26.64 -4.58 14.41
N LEU A 338 -25.50 -3.98 14.06
CA LEU A 338 -24.47 -4.68 13.30
C LEU A 338 -23.62 -5.56 14.20
N ASN A 339 -23.44 -6.82 13.81
CA ASN A 339 -22.33 -7.61 14.34
C ASN A 339 -21.14 -7.45 13.38
N PHE A 340 -20.06 -8.19 13.60
CA PHE A 340 -18.88 -8.02 12.76
C PHE A 340 -19.14 -8.46 11.33
N ALA A 341 -19.85 -9.59 11.13
CA ALA A 341 -20.14 -10.06 9.78
C ALA A 341 -20.99 -9.07 9.01
N LYS A 342 -22.05 -8.54 9.65
CA LYS A 342 -22.90 -7.57 8.96
C LYS A 342 -22.16 -6.28 8.70
N SER A 343 -21.29 -5.87 9.63
CA SER A 343 -20.53 -4.65 9.40
C SER A 343 -19.56 -4.82 8.22
N CYS A 344 -18.86 -5.95 8.18
CA CYS A 344 -17.99 -6.23 7.03
C CYS A 344 -18.76 -6.15 5.71
N ASP A 345 -20.01 -6.62 5.69
CA ASP A 345 -20.82 -6.52 4.46
C ASP A 345 -21.04 -5.06 4.06
N VAL A 346 -21.31 -4.20 5.04
CA VAL A 346 -21.51 -2.78 4.72
C VAL A 346 -20.23 -2.16 4.19
N VAL A 347 -19.08 -2.54 4.77
CA VAL A 347 -17.80 -2.01 4.30
C VAL A 347 -17.53 -2.44 2.87
N VAL A 348 -17.76 -3.73 2.58
CA VAL A 348 -17.59 -4.23 1.23
C VAL A 348 -18.49 -3.48 0.26
N GLU A 349 -19.71 -3.16 0.68
CA GLU A 349 -20.60 -2.37 -0.17
C GLU A 349 -20.08 -0.95 -0.38
N HIS A 350 -19.58 -0.31 0.70
CA HIS A 350 -18.94 0.99 0.53
C HIS A 350 -17.76 0.92 -0.43
N ALA A 351 -16.95 -0.13 -0.33
CA ALA A 351 -15.82 -0.25 -1.26
C ALA A 351 -16.30 -0.41 -2.70
N TYR A 352 -17.45 -1.07 -2.90
CA TYR A 352 -18.00 -1.18 -4.25
C TYR A 352 -18.39 0.20 -4.78
N ASN A 353 -19.06 1.01 -3.95
CA ASN A 353 -19.47 2.35 -4.36
C ASN A 353 -18.27 3.24 -4.63
N LYS A 354 -17.22 3.11 -3.82
CA LYS A 354 -16.01 3.88 -4.08
C LYS A 354 -15.36 3.44 -5.39
N MET A 355 -15.40 2.14 -5.70
CA MET A 355 -14.84 1.67 -6.96
C MET A 355 -15.60 2.26 -8.13
N GLN A 356 -16.93 2.31 -8.03
CA GLN A 356 -17.76 2.96 -9.06
C GLN A 356 -17.46 4.46 -9.14
N ALA A 357 -17.24 5.11 -8.01
CA ALA A 357 -16.87 6.53 -8.03
C ALA A 357 -15.51 6.73 -8.69
N PHE A 358 -14.57 5.81 -8.42
CA PHE A 358 -13.28 5.84 -9.10
C PHE A 358 -13.44 5.74 -10.61
N LEU A 359 -14.32 4.84 -11.07
CA LEU A 359 -14.50 4.64 -12.50
C LEU A 359 -15.20 5.83 -13.16
N LYS A 360 -16.13 6.46 -12.43
CA LYS A 360 -16.77 7.68 -12.93
C LYS A 360 -15.76 8.83 -13.06
N LEU A 361 -14.95 9.05 -12.02
CA LEU A 361 -13.90 10.07 -12.10
C LEU A 361 -12.97 9.80 -13.28
N LYS A 362 -12.57 8.54 -13.47
CA LYS A 362 -11.68 8.19 -14.57
C LYS A 362 -12.23 8.64 -15.92
N GLU A 363 -13.50 8.32 -16.19
CA GLU A 363 -14.09 8.72 -17.46
C GLU A 363 -14.14 10.24 -17.59
N GLU A 364 -14.47 10.94 -16.50
CA GLU A 364 -14.48 12.40 -16.52
C GLU A 364 -13.10 12.96 -16.81
N ILE A 365 -12.08 12.45 -16.12
CA ILE A 365 -10.72 12.97 -16.29
C ILE A 365 -10.25 12.76 -17.73
N LEU A 366 -10.51 11.57 -18.28
CA LEU A 366 -10.02 11.30 -19.63
C LEU A 366 -10.75 12.17 -20.66
N GLU A 367 -12.04 12.42 -20.45
CA GLU A 367 -12.81 13.28 -21.36
C GLU A 367 -12.29 14.72 -21.33
N SER A 368 -11.84 15.20 -20.17
CA SER A 368 -11.36 16.56 -20.03
C SER A 368 -9.99 16.81 -20.63
N ALA A 369 -9.32 15.78 -21.16
CA ALA A 369 -7.96 15.96 -21.65
C ALA A 369 -7.95 16.90 -22.86
N SER A 370 -6.93 17.77 -22.90
CA SER A 370 -6.86 18.82 -23.92
C SER A 370 -6.37 18.31 -25.26
N ASP A 371 -5.46 17.34 -25.26
CA ASP A 371 -4.88 16.84 -26.50
C ASP A 371 -4.53 15.37 -26.32
N GLU A 372 -4.03 14.76 -27.39
CA GLU A 372 -3.74 13.33 -27.37
C GLU A 372 -2.64 13.01 -26.37
N GLU A 373 -1.60 13.85 -26.33
CA GLU A 373 -0.51 13.64 -25.40
C GLU A 373 -0.99 13.67 -23.95
N GLU A 374 -1.89 14.58 -23.63
CA GLU A 374 -2.40 14.63 -22.26
C GLU A 374 -3.35 13.48 -21.98
N ARG A 375 -4.17 13.08 -22.96
CA ARG A 375 -5.07 11.96 -22.75
C ARG A 375 -4.29 10.69 -22.48
N LEU A 376 -3.25 10.43 -23.27
CA LEU A 376 -2.46 9.23 -23.09
C LEU A 376 -1.70 9.24 -21.77
N ALA A 377 -1.23 10.42 -21.34
CA ALA A 377 -0.57 10.55 -20.05
C ALA A 377 -1.51 10.24 -18.91
N LEU A 378 -2.72 10.83 -18.93
CA LEU A 378 -3.70 10.56 -17.87
C LEU A 378 -4.14 9.11 -17.86
N ALA A 379 -4.31 8.49 -19.04
CA ALA A 379 -4.74 7.09 -19.08
C ALA A 379 -3.67 6.19 -18.48
N ARG A 380 -2.41 6.49 -18.75
CA ARG A 380 -1.30 5.72 -18.18
C ARG A 380 -1.27 5.88 -16.66
N MET A 381 -1.46 7.11 -16.16
CA MET A 381 -1.39 7.34 -14.73
C MET A 381 -2.56 6.66 -14.01
N ILE A 382 -3.74 6.66 -14.62
CA ILE A 382 -4.89 5.97 -14.02
C ILE A 382 -4.68 4.46 -14.04
N LYS A 383 -4.11 3.92 -15.12
CA LYS A 383 -3.82 2.49 -15.20
C LYS A 383 -2.91 2.05 -14.06
N THR A 384 -1.93 2.89 -13.72
CA THR A 384 -1.01 2.58 -12.63
C THR A 384 -1.74 2.41 -11.30
N ARG A 385 -2.77 3.23 -11.07
CA ARG A 385 -3.56 3.10 -9.84
C ARG A 385 -4.46 1.86 -9.89
N GLU A 386 -5.02 1.55 -11.06
CA GLU A 386 -5.80 0.33 -11.21
C GLU A 386 -4.96 -0.91 -10.91
N ASP A 387 -3.70 -0.93 -11.36
CA ASP A 387 -2.80 -2.04 -11.05
C ASP A 387 -2.71 -2.25 -9.55
N SER A 388 -2.62 -1.17 -8.78
CA SER A 388 -2.53 -1.28 -7.32
C SER A 388 -3.80 -1.84 -6.73
N LEU A 389 -4.95 -1.52 -7.31
CA LEU A 389 -6.23 -1.92 -6.71
C LEU A 389 -6.44 -3.43 -6.86
N ILE A 390 -6.28 -3.98 -8.07
CA ILE A 390 -6.42 -5.43 -8.21
C ILE A 390 -5.27 -6.12 -7.50
N GLY A 391 -4.07 -5.52 -7.54
CA GLY A 391 -2.95 -6.10 -6.82
C GLY A 391 -3.23 -6.26 -5.33
N TYR A 392 -3.83 -5.23 -4.71
CA TYR A 392 -4.08 -5.34 -3.27
C TYR A 392 -5.11 -6.42 -2.96
N VAL A 393 -6.15 -6.54 -3.79
CA VAL A 393 -7.14 -7.61 -3.61
C VAL A 393 -6.46 -8.97 -3.68
N LEU A 394 -5.67 -9.22 -4.73
CA LEU A 394 -5.02 -10.52 -4.86
C LEU A 394 -3.99 -10.74 -3.76
N HIS A 395 -3.36 -9.67 -3.29
CA HIS A 395 -2.46 -9.78 -2.15
C HIS A 395 -3.15 -10.41 -0.95
N GLU A 396 -4.34 -9.90 -0.60
CA GLU A 396 -5.08 -10.43 0.56
C GLU A 396 -5.66 -11.81 0.26
N VAL A 397 -6.13 -12.03 -0.97
CA VAL A 397 -6.63 -13.35 -1.37
C VAL A 397 -5.54 -14.41 -1.18
N CYS A 398 -4.29 -14.08 -1.50
CA CYS A 398 -3.25 -15.10 -1.59
C CYS A 398 -2.44 -15.24 -0.30
N CYS A 399 -3.03 -14.94 0.86
CA CYS A 399 -2.36 -15.09 2.15
C CYS A 399 -2.52 -16.53 2.64
N VAL A 400 -1.72 -17.43 2.07
CA VAL A 400 -1.94 -18.87 2.24
C VAL A 400 -0.88 -19.53 3.12
N GLU A 401 0.07 -18.79 3.67
CA GLU A 401 1.09 -19.42 4.50
C GLU A 401 1.35 -18.59 5.75
N ASP A 402 1.13 -19.19 6.91
CA ASP A 402 1.26 -18.48 8.17
C ASP A 402 2.68 -17.98 8.36
N GLY A 403 2.82 -16.72 8.80
CA GLY A 403 4.11 -16.10 8.95
C GLY A 403 4.58 -15.27 7.77
N TYR A 404 3.95 -15.40 6.60
CA TYR A 404 4.38 -14.65 5.42
C TYR A 404 3.31 -13.68 4.95
N ALA A 405 2.39 -13.30 5.83
CA ALA A 405 1.41 -12.26 5.60
C ALA A 405 1.09 -11.59 6.92
N ARG A 406 0.63 -10.33 6.84
CA ARG A 406 0.12 -9.67 8.04
C ARG A 406 -1.10 -10.40 8.59
N ASP A 407 -1.93 -10.93 7.71
CA ASP A 407 -3.16 -11.61 8.14
C ASP A 407 -3.32 -12.89 7.34
N HIS A 408 -2.80 -13.98 7.92
CA HIS A 408 -2.90 -15.29 7.32
C HIS A 408 -4.34 -15.77 7.31
N LYS A 409 -4.74 -16.42 6.22
CA LYS A 409 -6.13 -16.83 6.00
C LYS A 409 -6.17 -18.32 5.71
N PRO A 410 -6.26 -19.15 6.76
CA PRO A 410 -6.28 -20.61 6.54
C PRO A 410 -7.44 -21.08 5.70
N LEU A 411 -8.58 -20.38 5.71
CA LEU A 411 -9.68 -20.77 4.84
C LEU A 411 -9.37 -20.48 3.37
N MET A 412 -8.54 -19.47 3.10
CA MET A 412 -8.14 -19.24 1.71
C MET A 412 -7.12 -20.26 1.27
N LYS A 413 -6.21 -20.66 2.16
CA LYS A 413 -5.29 -21.73 1.84
C LYS A 413 -6.04 -22.98 1.41
N ALA A 414 -7.06 -23.37 2.19
CA ALA A 414 -7.86 -24.54 1.85
C ALA A 414 -8.66 -24.32 0.56
N PHE A 415 -9.29 -23.17 0.42
CA PHE A 415 -10.10 -22.91 -0.77
C PHE A 415 -9.24 -22.89 -2.03
N LEU A 416 -8.09 -22.20 -1.99
CA LEU A 416 -7.26 -22.09 -3.18
C LEU A 416 -6.59 -23.43 -3.52
N GLU A 417 -6.20 -24.19 -2.50
CA GLU A 417 -5.61 -25.51 -2.78
C GLU A 417 -6.62 -26.42 -3.46
N GLU A 418 -7.87 -26.39 -3.03
CA GLU A 418 -8.89 -27.23 -3.65
C GLU A 418 -9.19 -26.78 -5.07
N GLU A 419 -9.33 -25.48 -5.29
CA GLU A 419 -9.75 -24.97 -6.60
C GLU A 419 -8.62 -25.04 -7.62
N ILE A 420 -7.38 -24.79 -7.21
CA ILE A 420 -6.29 -24.79 -8.17
C ILE A 420 -5.93 -26.21 -8.58
N THR A 421 -6.11 -27.18 -7.67
CA THR A 421 -5.92 -28.58 -7.99
C THR A 421 -6.81 -29.00 -9.16
N LYS A 422 -8.08 -28.59 -9.13
CA LYS A 422 -8.98 -28.93 -10.22
C LYS A 422 -8.58 -28.21 -11.50
N SER A 423 -8.18 -26.93 -11.40
CA SER A 423 -7.84 -26.17 -12.60
CA SER A 423 -7.84 -26.17 -12.60
C SER A 423 -6.55 -26.68 -13.23
N LEU A 424 -5.56 -27.06 -12.43
CA LEU A 424 -4.33 -27.64 -12.98
C LEU A 424 -4.61 -29.01 -13.60
N ALA A 425 -5.44 -29.82 -12.95
CA ALA A 425 -5.79 -31.13 -13.50
C ALA A 425 -6.45 -30.98 -14.86
N GLU A 426 -7.35 -30.00 -15.00
CA GLU A 426 -7.96 -29.76 -16.30
C GLU A 426 -6.92 -29.31 -17.32
N LYS A 427 -5.92 -28.53 -16.90
CA LYS A 427 -4.85 -28.17 -17.81
C LYS A 427 -4.10 -29.39 -18.29
N VAL A 428 -3.71 -30.28 -17.35
CA VAL A 428 -2.97 -31.47 -17.72
C VAL A 428 -3.82 -32.35 -18.64
N LYS A 429 -5.10 -32.50 -18.30
CA LYS A 429 -6.00 -33.38 -19.04
C LYS A 429 -6.07 -32.99 -20.52
N PHE A 430 -6.22 -31.71 -20.80
CA PHE A 430 -6.36 -31.25 -22.17
C PHE A 430 -5.02 -31.06 -22.88
N ASN A 431 -3.90 -31.24 -22.19
CA ASN A 431 -2.60 -31.04 -22.82
C ASN A 431 -2.42 -32.06 -23.96
N PRO A 432 -1.82 -31.65 -25.11
CA PRO A 432 -1.27 -30.34 -25.44
C PRO A 432 -2.22 -29.34 -26.13
N VAL A 433 -3.52 -29.53 -26.04
CA VAL A 433 -4.46 -28.62 -26.68
C VAL A 433 -4.78 -27.44 -25.77
MG MG B . -5.53 -2.45 9.15
MG MG C . -6.57 0.24 10.77
PA GST D . -2.59 -2.63 11.08
PA GST D . -2.20 -1.91 11.83
O1A GST D . -1.29 -3.34 11.41
O1A GST D . -2.72 -0.64 11.19
O2A GST D . -3.32 -2.16 12.32
O2A GST D . -3.31 -2.79 12.35
O3A GST D . -3.47 -3.41 10.15
O3A GST D . -1.10 -1.66 12.85
O1B GST D . -2.20 -1.29 10.28
O1B GST D . -1.51 -2.75 10.63
PB GST D . -3.05 0.01 9.88
PB GST D . -1.94 -3.09 9.13
O2B GST D . -2.80 1.05 10.93
O2B GST D . -1.17 -4.31 8.75
O3B GST D . -4.45 -0.42 9.61
O3B GST D . -3.42 -3.17 9.02
S1 GST D . -2.21 0.63 8.09
S1 GST D . -1.28 -1.41 8.06
C1 GST D . -2.87 -0.66 6.99
C1 GST D . -2.35 -1.54 6.60
C2 GST D . -2.15 -0.67 5.69
C2 GST D . -1.76 -0.84 5.44
C3 GST D . -2.69 -0.44 4.50
C3 GST D . -2.44 -0.50 4.34
C10 GST D . -4.16 -0.25 4.28
C10 GST D . -3.93 -0.39 4.30
C4 GST D . -1.83 -0.32 3.27
C4 GST D . -1.73 -0.23 3.04
C5 GST D . -2.08 -1.44 2.29
C5 GST D . -1.87 -1.40 2.10
C6 GST D . -1.39 -1.23 0.97
C6 GST D . -1.33 -1.17 0.72
C7 GST D . -0.46 -1.99 0.41
C7 GST D . -0.39 -1.85 0.10
C9 GST D . 0.34 -2.98 1.20
C9 GST D . 0.64 -2.67 0.84
C8 GST D . -0.17 -1.98 -1.06
C8 GST D . -0.28 -1.94 -1.40
#